data_3ON0
#
_entry.id   3ON0
#
_cell.length_a   93.025
_cell.length_b   154.687
_cell.length_c   167.565
_cell.angle_alpha   90.00
_cell.angle_beta   90.00
_cell.angle_gamma   90.00
#
_symmetry.space_group_name_H-M   'C 2 2 21'
#
loop_
_entity.id
_entity.type
_entity.pdbx_description
1 polymer 'Protein traM'
2 polymer sbmA
#
loop_
_entity_poly.entity_id
_entity_poly.type
_entity_poly.pdbx_seq_one_letter_code
_entity_poly.pdbx_strand_id
1 'polypeptide(L)'
;MPKIQTYVNNNVYEQITDLVTIRKQEGIEEASLSNVSSMLLELGLRVYMIQQEKREGGFNQMEYNKLMLENVSRVRAMCT
EILKMSVLNQESIASGNFDYAVIKPAIDKFAREQVSIFFPDDEDDQE
;
A,B,C,D
2 'polydeoxyribonucleotide'
;(DA)(DG)(DA)(DT)(DT)(DC)(DG)(DA)(DA)(DT)(DC)(DT)(DA)(DG)(DA)(DT)(DT)(DC)(DG)(DA)
(DA)(DT)(DC)(DT)
;
P
#
# COMPACT_ATOMS: atom_id res chain seq x y z
N PRO A 2 -10.31 3.59 -43.16
CA PRO A 2 -8.88 3.51 -42.87
C PRO A 2 -8.54 2.27 -42.06
N LYS A 3 -7.38 1.69 -42.35
CA LYS A 3 -6.98 0.45 -41.73
C LYS A 3 -5.82 0.66 -40.79
N ILE A 4 -5.85 0.00 -39.64
CA ILE A 4 -4.75 0.14 -38.70
C ILE A 4 -4.08 -1.20 -38.44
N GLN A 5 -2.76 -1.18 -38.44
CA GLN A 5 -1.99 -2.35 -38.08
C GLN A 5 -1.33 -2.09 -36.73
N THR A 6 -1.76 -2.79 -35.69
CA THR A 6 -1.06 -2.68 -34.41
C THR A 6 -0.38 -3.97 -34.03
N TYR A 7 0.83 -3.85 -33.50
CA TYR A 7 1.52 -4.99 -33.00
C TYR A 7 1.36 -5.03 -31.51
N VAL A 8 0.48 -5.92 -31.04
CA VAL A 8 0.19 -6.07 -29.62
C VAL A 8 0.86 -7.29 -29.03
N ASN A 9 0.82 -7.39 -27.70
CA ASN A 9 1.39 -8.53 -27.02
C ASN A 9 0.43 -9.70 -26.98
N ASN A 10 0.92 -10.87 -26.54
CA ASN A 10 0.13 -12.08 -26.57
C ASN A 10 -1.09 -12.00 -25.68
N ASN A 11 -0.95 -11.34 -24.53
CA ASN A 11 -2.10 -11.10 -23.67
C ASN A 11 -3.25 -10.47 -24.41
N VAL A 12 -3.05 -9.22 -24.79
CA VAL A 12 -4.03 -8.47 -25.54
C VAL A 12 -4.64 -9.35 -26.63
N TYR A 13 -3.79 -9.93 -27.47
CA TYR A 13 -4.27 -10.75 -28.58
C TYR A 13 -5.22 -11.84 -28.12
N GLU A 14 -4.81 -12.61 -27.11
CA GLU A 14 -5.66 -13.66 -26.62
C GLU A 14 -7.01 -13.08 -26.24
N GLN A 15 -6.99 -12.03 -25.43
CA GLN A 15 -8.22 -11.44 -24.91
C GLN A 15 -9.19 -11.12 -26.02
N ILE A 16 -8.66 -10.58 -27.10
CA ILE A 16 -9.49 -10.15 -28.21
C ILE A 16 -10.04 -11.35 -28.95
N THR A 17 -9.17 -12.25 -29.40
CA THR A 17 -9.63 -13.41 -30.15
C THR A 17 -10.65 -14.16 -29.30
N ASP A 18 -10.47 -14.10 -27.98
CA ASP A 18 -11.44 -14.66 -27.05
C ASP A 18 -12.77 -13.95 -27.19
N LEU A 19 -12.73 -12.64 -27.28
CA LEU A 19 -13.94 -11.85 -27.41
C LEU A 19 -14.69 -12.19 -28.68
N VAL A 20 -13.96 -12.32 -29.79
CA VAL A 20 -14.59 -12.68 -31.03
C VAL A 20 -15.36 -13.97 -30.84
N THR A 21 -14.68 -14.98 -30.31
CA THR A 21 -15.33 -16.25 -30.00
C THR A 21 -16.60 -15.99 -29.19
N ILE A 22 -16.43 -15.36 -28.04
CA ILE A 22 -17.57 -15.07 -27.17
C ILE A 22 -18.75 -14.58 -27.98
N ARG A 23 -18.52 -13.61 -28.86
CA ARG A 23 -19.58 -12.96 -29.60
C ARG A 23 -20.30 -13.92 -30.54
N LYS A 24 -19.60 -14.46 -31.52
CA LYS A 24 -20.23 -15.42 -32.43
C LYS A 24 -21.10 -16.36 -31.62
N GLN A 25 -20.59 -16.76 -30.46
CA GLN A 25 -21.28 -17.67 -29.58
C GLN A 25 -22.54 -17.04 -29.01
N GLU A 26 -22.64 -15.71 -29.14
CA GLU A 26 -23.82 -14.99 -28.69
C GLU A 26 -24.71 -14.61 -29.86
N GLY A 27 -24.61 -15.34 -30.96
CA GLY A 27 -25.38 -15.05 -32.16
C GLY A 27 -24.74 -13.98 -33.01
N ILE A 28 -23.93 -13.12 -32.39
CA ILE A 28 -23.30 -12.01 -33.11
C ILE A 28 -22.46 -12.52 -34.27
N GLU A 29 -23.13 -13.23 -35.16
CA GLU A 29 -22.57 -13.69 -36.44
C GLU A 29 -21.30 -12.95 -36.88
N GLU A 30 -21.48 -11.70 -37.29
CA GLU A 30 -20.45 -10.90 -37.95
C GLU A 30 -19.29 -10.45 -37.07
N ALA A 31 -19.14 -11.05 -35.90
CA ALA A 31 -18.04 -10.69 -35.04
C ALA A 31 -16.73 -11.04 -35.71
N SER A 32 -15.75 -10.15 -35.64
CA SER A 32 -14.47 -10.41 -36.25
C SER A 32 -13.35 -9.74 -35.48
N LEU A 33 -12.13 -10.09 -35.84
CA LEU A 33 -10.96 -9.56 -35.17
C LEU A 33 -10.94 -8.06 -35.29
N SER A 34 -10.88 -7.57 -36.52
CA SER A 34 -10.80 -6.13 -36.77
C SER A 34 -12.03 -5.49 -36.17
N ASN A 35 -13.15 -5.95 -36.67
CA ASN A 35 -14.45 -5.71 -36.08
C ASN A 35 -14.46 -5.41 -34.58
N VAL A 36 -13.96 -6.34 -33.77
CA VAL A 36 -13.95 -6.18 -32.32
C VAL A 36 -12.89 -5.20 -31.83
N SER A 37 -11.70 -5.24 -32.42
CA SER A 37 -10.65 -4.30 -32.04
C SER A 37 -11.13 -2.86 -32.25
N SER A 38 -11.83 -2.65 -33.35
CA SER A 38 -12.41 -1.35 -33.65
C SER A 38 -13.29 -0.89 -32.48
N MET A 39 -14.23 -1.74 -32.10
CA MET A 39 -15.08 -1.44 -30.96
C MET A 39 -14.25 -1.14 -29.71
N LEU A 40 -13.18 -1.90 -29.51
CA LEU A 40 -12.34 -1.71 -28.34
C LEU A 40 -11.57 -0.39 -28.40
N LEU A 41 -11.12 -0.04 -29.60
CA LEU A 41 -10.43 1.23 -29.79
C LEU A 41 -11.37 2.37 -29.46
N GLU A 42 -12.56 2.30 -30.04
CA GLU A 42 -13.58 3.31 -29.79
C GLU A 42 -13.71 3.47 -28.28
N LEU A 43 -13.84 2.34 -27.60
CA LEU A 43 -14.05 2.34 -26.17
C LEU A 43 -12.87 2.98 -25.44
N GLY A 44 -11.66 2.63 -25.85
CA GLY A 44 -10.45 3.13 -25.21
C GLY A 44 -10.29 4.62 -25.36
N LEU A 45 -10.61 5.11 -26.55
CA LEU A 45 -10.57 6.54 -26.80
C LEU A 45 -11.50 7.28 -25.84
N ARG A 46 -12.72 6.80 -25.74
CA ARG A 46 -13.70 7.46 -24.90
C ARG A 46 -13.16 7.68 -23.49
N VAL A 47 -12.56 6.65 -22.93
CA VAL A 47 -12.01 6.74 -21.58
C VAL A 47 -10.83 7.70 -21.55
N TYR A 48 -9.85 7.42 -22.39
CA TYR A 48 -8.65 8.23 -22.49
C TYR A 48 -8.96 9.73 -22.43
N MET A 49 -9.92 10.18 -23.25
CA MET A 49 -10.43 11.57 -23.19
C MET A 49 -10.79 11.98 -21.77
N ILE A 50 -11.70 11.22 -21.15
CA ILE A 50 -12.11 11.47 -19.77
C ILE A 50 -10.89 11.69 -18.86
N GLN A 51 -9.97 10.73 -18.84
CA GLN A 51 -8.74 10.84 -18.03
C GLN A 51 -8.04 12.15 -18.36
N GLN A 52 -7.91 12.39 -19.66
CA GLN A 52 -7.30 13.60 -20.19
C GLN A 52 -7.88 14.83 -19.51
N GLU A 53 -9.21 14.87 -19.47
CA GLU A 53 -9.98 15.99 -18.91
C GLU A 53 -10.06 15.93 -17.39
N LYS A 54 -8.95 16.17 -16.70
CA LYS A 54 -8.93 16.03 -15.24
C LYS A 54 -7.53 16.28 -14.67
N PHE A 59 -1.42 11.73 -7.84
CA PHE A 59 -1.37 11.13 -6.49
C PHE A 59 -0.11 11.52 -5.74
N ASN A 60 -0.26 12.04 -4.54
CA ASN A 60 0.90 12.46 -3.76
C ASN A 60 1.24 11.48 -2.62
N GLN A 61 2.24 10.63 -2.82
CA GLN A 61 2.68 9.70 -1.78
C GLN A 61 2.93 10.36 -0.44
N MET A 62 3.78 11.37 -0.42
CA MET A 62 4.23 11.93 0.83
C MET A 62 3.06 12.46 1.66
N GLU A 63 2.19 13.21 1.01
CA GLU A 63 1.09 13.84 1.70
C GLU A 63 0.20 12.74 2.27
N TYR A 64 0.11 11.66 1.54
CA TYR A 64 -0.75 10.53 1.90
C TYR A 64 -0.13 9.76 3.06
N ASN A 65 1.14 9.41 2.94
CA ASN A 65 1.85 8.79 4.05
C ASN A 65 1.64 9.59 5.33
N LYS A 66 1.71 10.91 5.23
CA LYS A 66 1.55 11.79 6.38
C LYS A 66 0.15 11.67 6.98
N LEU A 67 -0.89 11.80 6.15
CA LEU A 67 -2.24 11.64 6.65
C LEU A 67 -2.42 10.30 7.37
N MET A 68 -1.92 9.24 6.77
CA MET A 68 -2.12 7.91 7.33
C MET A 68 -1.41 7.80 8.68
N LEU A 69 -0.20 8.32 8.75
CA LEU A 69 0.53 8.24 10.00
C LEU A 69 -0.25 8.96 11.09
N GLU A 70 -0.84 10.10 10.74
CA GLU A 70 -1.61 10.88 11.72
C GLU A 70 -2.81 10.09 12.19
N ASN A 71 -3.63 9.64 11.25
CA ASN A 71 -4.81 8.91 11.62
C ASN A 71 -4.47 7.70 12.50
N VAL A 72 -3.50 6.90 12.06
CA VAL A 72 -3.10 5.75 12.83
C VAL A 72 -2.59 6.13 14.22
N SER A 73 -1.75 7.14 14.30
CA SER A 73 -1.25 7.58 15.59
C SER A 73 -2.39 8.02 16.49
N ARG A 74 -3.31 8.77 15.91
CA ARG A 74 -4.44 9.30 16.62
C ARG A 74 -5.27 8.14 17.18
N VAL A 75 -5.61 7.21 16.31
CA VAL A 75 -6.34 6.01 16.70
C VAL A 75 -5.63 5.28 17.83
N ARG A 76 -4.31 5.17 17.75
CA ARG A 76 -3.59 4.50 18.82
C ARG A 76 -3.70 5.19 20.16
N ALA A 77 -3.51 6.51 20.18
CA ALA A 77 -3.71 7.27 21.40
C ALA A 77 -5.15 7.06 21.93
N MET A 78 -6.12 7.19 21.04
CA MET A 78 -7.51 7.06 21.47
C MET A 78 -7.75 5.69 22.09
N CYS A 79 -7.30 4.62 21.44
CA CYS A 79 -7.54 3.28 22.00
C CYS A 79 -6.86 3.06 23.33
N THR A 80 -5.65 3.57 23.47
CA THR A 80 -4.99 3.47 24.74
C THR A 80 -5.95 3.97 25.81
N GLU A 81 -6.52 5.16 25.58
CA GLU A 81 -7.44 5.75 26.57
C GLU A 81 -8.71 4.94 26.77
N ILE A 82 -9.34 4.56 25.67
CA ILE A 82 -10.56 3.77 25.75
C ILE A 82 -10.29 2.50 26.53
N LEU A 83 -9.15 1.87 26.23
CA LEU A 83 -8.76 0.65 26.92
C LEU A 83 -8.74 0.93 28.42
N LYS A 84 -8.03 1.98 28.82
CA LYS A 84 -7.96 2.24 30.25
C LYS A 84 -9.35 2.39 30.88
N MET A 85 -10.25 3.06 30.18
CA MET A 85 -11.59 3.23 30.71
C MET A 85 -12.37 1.90 30.74
N SER A 86 -12.22 1.06 29.73
CA SER A 86 -12.98 -0.18 29.73
C SER A 86 -12.57 -0.99 30.93
N VAL A 87 -11.27 -1.02 31.19
CA VAL A 87 -10.75 -1.70 32.37
C VAL A 87 -11.42 -1.20 33.66
N LEU A 88 -11.79 0.08 33.68
CA LEU A 88 -12.42 0.63 34.86
C LEU A 88 -13.89 0.26 34.95
N ASN A 89 -14.45 -0.28 33.88
CA ASN A 89 -15.87 -0.61 33.93
C ASN A 89 -16.15 -1.70 34.92
N GLN A 90 -17.18 -1.53 35.72
CA GLN A 90 -17.45 -2.50 36.78
C GLN A 90 -17.48 -3.94 36.26
N GLU A 91 -18.19 -4.16 35.16
CA GLU A 91 -18.31 -5.49 34.59
C GLU A 91 -16.95 -6.09 34.28
N SER A 92 -16.02 -5.26 33.82
CA SER A 92 -14.64 -5.71 33.57
C SER A 92 -13.96 -6.13 34.86
N ILE A 93 -13.90 -5.22 35.85
CA ILE A 93 -13.39 -5.55 37.17
C ILE A 93 -13.95 -6.90 37.63
N ALA A 94 -15.26 -7.05 37.54
CA ALA A 94 -15.92 -8.26 37.98
C ALA A 94 -15.35 -9.53 37.34
N SER A 95 -15.11 -9.49 36.03
CA SER A 95 -14.67 -10.69 35.31
C SER A 95 -13.30 -11.20 35.78
N GLY A 96 -12.51 -10.31 36.37
CA GLY A 96 -11.17 -10.69 36.80
C GLY A 96 -10.23 -11.01 35.63
N ASN A 97 -10.64 -10.69 34.42
CA ASN A 97 -9.84 -11.02 33.25
C ASN A 97 -9.21 -9.83 32.57
N PHE A 98 -9.42 -8.64 33.11
CA PHE A 98 -8.91 -7.47 32.44
C PHE A 98 -8.15 -6.59 33.41
N ASP A 99 -7.15 -7.18 34.05
CA ASP A 99 -6.20 -6.50 34.90
C ASP A 99 -5.21 -5.81 34.00
N TYR A 100 -5.23 -4.47 34.02
CA TYR A 100 -4.42 -3.67 33.11
C TYR A 100 -2.93 -4.02 33.18
N ALA A 101 -2.48 -4.48 34.35
CA ALA A 101 -1.08 -4.79 34.56
C ALA A 101 -0.72 -6.01 33.77
N VAL A 102 -1.73 -6.75 33.32
CA VAL A 102 -1.47 -7.96 32.57
C VAL A 102 -1.71 -7.69 31.11
N ILE A 103 -2.91 -7.24 30.80
CA ILE A 103 -3.33 -6.94 29.44
C ILE A 103 -2.32 -6.06 28.75
N LYS A 104 -1.89 -5.03 29.46
CA LYS A 104 -1.07 -4.01 28.89
C LYS A 104 0.29 -4.54 28.37
N PRO A 105 1.06 -5.19 29.23
CA PRO A 105 2.30 -5.76 28.71
C PRO A 105 2.00 -6.81 27.64
N ALA A 106 0.92 -7.57 27.81
CA ALA A 106 0.53 -8.55 26.82
C ALA A 106 0.40 -7.88 25.45
N ILE A 107 -0.22 -6.72 25.44
CA ILE A 107 -0.40 -5.98 24.21
C ILE A 107 0.93 -5.50 23.64
N ASP A 108 1.80 -5.01 24.51
CA ASP A 108 3.15 -4.63 24.08
C ASP A 108 3.85 -5.85 23.47
N LYS A 109 3.74 -6.99 24.15
CA LYS A 109 4.31 -8.20 23.66
C LYS A 109 3.77 -8.46 22.26
N PHE A 110 2.45 -8.35 22.09
CA PHE A 110 1.84 -8.68 20.79
C PHE A 110 2.42 -7.83 19.68
N ALA A 111 2.47 -6.52 19.92
CA ALA A 111 3.06 -5.57 18.98
C ALA A 111 4.48 -5.94 18.60
N ARG A 112 5.32 -6.20 19.60
CA ARG A 112 6.71 -6.48 19.34
C ARG A 112 6.89 -7.70 18.44
N GLU A 113 6.19 -8.80 18.76
CA GLU A 113 6.27 -10.03 17.99
C GLU A 113 5.83 -9.79 16.56
N GLN A 114 4.73 -9.09 16.39
CA GLN A 114 4.27 -8.73 15.06
C GLN A 114 5.26 -7.92 14.24
N VAL A 115 5.83 -6.87 14.83
CA VAL A 115 6.80 -6.08 14.15
C VAL A 115 7.97 -6.97 13.78
N SER A 116 8.37 -7.86 14.69
CA SER A 116 9.57 -8.65 14.45
C SER A 116 9.40 -9.65 13.30
N ILE A 117 8.16 -10.00 12.96
CA ILE A 117 7.93 -10.78 11.76
C ILE A 117 8.58 -10.12 10.56
N PHE A 118 8.47 -8.80 10.43
CA PHE A 118 8.99 -8.11 9.25
C PHE A 118 10.24 -7.30 9.51
N PHE A 119 10.54 -7.04 10.76
CA PHE A 119 11.65 -6.21 11.14
C PHE A 119 12.34 -6.79 12.35
N PRO A 120 12.57 -8.34 12.11
CA PRO A 120 13.49 -9.01 13.02
C PRO A 120 14.67 -8.10 13.36
N ASP A 121 14.94 -7.95 14.65
CA ASP A 121 16.04 -7.11 15.11
C ASP A 121 17.40 -7.55 14.62
N ASP A 122 17.57 -8.84 14.44
CA ASP A 122 18.87 -9.38 14.07
C ASP A 122 19.08 -9.28 12.56
N GLU A 123 18.19 -8.55 11.90
CA GLU A 123 18.30 -8.28 10.48
C GLU A 123 18.34 -6.78 10.19
N ASP A 124 18.82 -6.01 11.16
CA ASP A 124 18.93 -4.56 11.01
C ASP A 124 20.17 -4.05 10.27
N ASP A 125 20.21 -2.72 10.09
CA ASP A 125 21.21 -2.02 9.27
C ASP A 125 20.68 -1.78 7.84
N GLN A 126 20.19 -2.84 7.20
CA GLN A 126 19.58 -2.69 5.88
C GLN A 126 18.54 -1.58 5.90
N PRO B 2 37.95 -8.44 -16.43
CA PRO B 2 36.85 -8.75 -17.34
C PRO B 2 35.97 -7.53 -17.54
N LYS B 3 35.41 -7.40 -18.74
CA LYS B 3 34.64 -6.22 -19.07
C LYS B 3 33.16 -6.55 -19.22
N ILE B 4 32.29 -5.73 -18.68
CA ILE B 4 30.89 -5.95 -18.85
C ILE B 4 30.24 -4.84 -19.64
N GLN B 5 29.35 -5.24 -20.54
CA GLN B 5 28.50 -4.31 -21.25
C GLN B 5 27.04 -4.51 -20.75
N THR B 6 26.48 -3.54 -20.05
CA THR B 6 25.06 -3.58 -19.72
C THR B 6 24.30 -2.49 -20.41
N TYR B 7 23.12 -2.85 -20.92
CA TYR B 7 22.24 -1.88 -21.51
C TYR B 7 21.20 -1.48 -20.49
N VAL B 8 21.37 -0.30 -19.91
CA VAL B 8 20.51 0.19 -18.87
C VAL B 8 19.54 1.23 -19.40
N ASN B 9 18.57 1.60 -18.58
CA ASN B 9 17.63 2.65 -18.96
C ASN B 9 18.18 4.04 -18.65
N ASN B 10 17.51 5.06 -19.16
CA ASN B 10 18.00 6.42 -19.04
C ASN B 10 18.13 6.87 -17.59
N ASN B 11 17.19 6.46 -16.76
CA ASN B 11 17.27 6.74 -15.32
C ASN B 11 18.60 6.35 -14.76
N VAL B 12 18.83 5.05 -14.73
CA VAL B 12 20.04 4.49 -14.19
C VAL B 12 21.23 5.27 -14.75
N TYR B 13 21.27 5.39 -16.07
CA TYR B 13 22.38 6.07 -16.72
C TYR B 13 22.64 7.45 -16.14
N GLU B 14 21.59 8.28 -16.11
CA GLU B 14 21.72 9.60 -15.55
C GLU B 14 22.34 9.52 -14.17
N GLN B 15 21.75 8.69 -13.31
CA GLN B 15 22.16 8.63 -11.92
C GLN B 15 23.64 8.38 -11.82
N ILE B 16 24.15 7.50 -12.66
CA ILE B 16 25.53 7.12 -12.60
C ILE B 16 26.42 8.25 -13.10
N THR B 17 26.18 8.72 -14.32
CA THR B 17 26.97 9.80 -14.85
C THR B 17 26.95 10.98 -13.86
N ASP B 18 25.83 11.15 -13.17
CA ASP B 18 25.73 12.14 -12.11
C ASP B 18 26.72 11.86 -11.00
N LEU B 19 26.82 10.60 -10.61
CA LEU B 19 27.73 10.20 -9.56
C LEU B 19 29.18 10.46 -9.94
N VAL B 20 29.54 10.16 -11.18
CA VAL B 20 30.88 10.43 -11.64
C VAL B 20 31.16 11.91 -11.42
N THR B 21 30.28 12.75 -11.93
CA THR B 21 30.40 14.17 -11.74
C THR B 21 30.62 14.46 -10.27
N ILE B 22 29.68 14.03 -9.43
CA ILE B 22 29.76 14.28 -8.00
C ILE B 22 31.18 14.03 -7.49
N ARG B 23 31.73 12.88 -7.86
CA ARG B 23 33.02 12.45 -7.34
C ARG B 23 34.18 13.34 -7.75
N LYS B 24 34.45 13.45 -9.05
CA LYS B 24 35.48 14.35 -9.51
C LYS B 24 35.41 15.64 -8.73
N GLN B 25 34.18 16.09 -8.52
CA GLN B 25 33.92 17.33 -7.80
C GLN B 25 34.32 17.21 -6.34
N GLU B 26 34.53 15.99 -5.88
CA GLU B 26 34.99 15.76 -4.51
C GLU B 26 36.47 15.42 -4.47
N GLY B 27 37.21 15.87 -5.49
CA GLY B 27 38.64 15.58 -5.59
C GLY B 27 38.92 14.21 -6.20
N ILE B 28 37.96 13.29 -6.09
CA ILE B 28 38.13 11.92 -6.59
C ILE B 28 38.46 11.92 -8.08
N GLU B 29 39.54 12.63 -8.42
CA GLU B 29 40.12 12.63 -9.76
C GLU B 29 39.67 11.47 -10.65
N GLU B 30 40.15 10.27 -10.34
CA GLU B 30 40.02 9.10 -11.21
C GLU B 30 38.60 8.50 -11.29
N ALA B 31 37.61 9.25 -10.87
CA ALA B 31 36.24 8.77 -10.99
C ALA B 31 35.91 8.58 -12.47
N SER B 32 35.26 7.47 -12.79
CA SER B 32 34.86 7.22 -14.17
C SER B 32 33.58 6.43 -14.24
N LEU B 33 33.01 6.38 -15.43
CA LEU B 33 31.80 5.63 -15.66
C LEU B 33 31.97 4.19 -15.21
N SER B 34 32.88 3.47 -15.86
CA SER B 34 33.06 2.06 -15.58
C SER B 34 33.43 1.93 -14.12
N ASN B 35 34.51 2.61 -13.78
CA ASN B 35 34.92 2.87 -12.43
C ASN B 35 33.78 2.85 -11.40
N VAL B 36 32.81 3.74 -11.58
CA VAL B 36 31.72 3.88 -10.63
C VAL B 36 30.70 2.76 -10.73
N SER B 37 30.37 2.34 -11.95
CA SER B 37 29.43 1.23 -12.12
C SER B 37 29.99 -0.02 -11.42
N SER B 38 31.29 -0.20 -11.50
CA SER B 38 31.93 -1.32 -10.86
C SER B 38 31.60 -1.27 -9.37
N MET B 39 31.89 -0.13 -8.75
CA MET B 39 31.62 0.05 -7.33
C MET B 39 30.14 -0.20 -7.01
N LEU B 40 29.26 0.23 -7.92
CA LEU B 40 27.83 0.03 -7.72
C LEU B 40 27.45 -1.43 -7.87
N LEU B 41 28.09 -2.14 -8.80
CA LEU B 41 27.83 -3.56 -8.95
C LEU B 41 28.25 -4.28 -7.68
N GLU B 42 29.47 -4.02 -7.24
CA GLU B 42 29.98 -4.61 -6.03
C GLU B 42 28.92 -4.43 -4.95
N LEU B 43 28.44 -3.21 -4.82
CA LEU B 43 27.48 -2.87 -3.77
C LEU B 43 26.21 -3.68 -3.95
N GLY B 44 25.71 -3.73 -5.17
CA GLY B 44 24.47 -4.43 -5.46
C GLY B 44 24.57 -5.89 -5.12
N LEU B 45 25.69 -6.50 -5.45
CA LEU B 45 25.90 -7.89 -5.13
C LEU B 45 25.83 -8.13 -3.64
N ARG B 46 26.50 -7.29 -2.86
CA ARG B 46 26.54 -7.48 -1.43
C ARG B 46 25.13 -7.58 -0.85
N VAL B 47 24.27 -6.65 -1.27
CA VAL B 47 22.92 -6.64 -0.76
C VAL B 47 22.19 -7.88 -1.19
N TYR B 48 22.26 -8.17 -2.48
CA TYR B 48 21.60 -9.37 -2.99
C TYR B 48 21.90 -10.58 -2.09
N MET B 49 23.19 -10.81 -1.80
CA MET B 49 23.64 -11.82 -0.83
C MET B 49 22.90 -11.69 0.50
N ILE B 50 23.07 -10.55 1.16
CA ILE B 50 22.34 -10.26 2.39
C ILE B 50 20.84 -10.60 2.33
N GLN B 51 20.12 -10.10 1.33
CA GLN B 51 18.72 -10.46 1.17
C GLN B 51 18.56 -11.97 1.09
N GLN B 52 19.39 -12.57 0.26
CA GLN B 52 19.44 -14.01 0.08
C GLN B 52 19.43 -14.74 1.42
N GLU B 53 20.30 -14.29 2.31
CA GLU B 53 20.49 -14.94 3.59
C GLU B 53 19.25 -14.83 4.49
N LYS B 54 18.70 -13.62 4.53
CA LYS B 54 17.78 -13.13 5.59
C LYS B 54 16.73 -14.08 6.24
N ARG B 55 15.73 -14.52 5.48
CA ARG B 55 14.61 -15.29 6.03
C ARG B 55 13.52 -15.16 5.00
N GLU B 56 13.20 -16.24 4.32
CA GLU B 56 12.38 -16.14 3.11
C GLU B 56 12.94 -14.98 2.28
N GLY B 57 14.07 -14.44 2.72
CA GLY B 57 14.82 -13.52 1.90
C GLY B 57 14.48 -12.05 2.13
N GLY B 58 14.47 -11.62 3.39
CA GLY B 58 14.20 -10.21 3.71
C GLY B 58 12.77 -9.73 3.49
N PHE B 59 12.54 -8.47 3.86
CA PHE B 59 11.23 -7.84 3.82
C PHE B 59 10.40 -8.25 2.63
N ASN B 60 9.07 -8.21 2.72
CA ASN B 60 8.25 -8.71 1.64
C ASN B 60 6.99 -7.86 1.30
N GLN B 61 7.12 -6.78 0.52
CA GLN B 61 5.97 -5.86 0.32
C GLN B 61 4.61 -6.54 0.36
N MET B 62 4.43 -7.55 -0.48
CA MET B 62 3.11 -8.08 -0.71
C MET B 62 2.57 -8.75 0.55
N GLU B 63 3.44 -9.48 1.24
CA GLU B 63 3.04 -10.17 2.45
C GLU B 63 2.67 -9.15 3.52
N TYR B 64 3.39 -8.05 3.53
CA TYR B 64 3.17 -6.95 4.46
C TYR B 64 1.88 -6.19 4.16
N ASN B 65 1.69 -5.81 2.91
CA ASN B 65 0.44 -5.20 2.53
C ASN B 65 -0.72 -6.06 2.98
N LYS B 66 -0.61 -7.36 2.79
CA LYS B 66 -1.67 -8.28 3.19
C LYS B 66 -1.96 -8.22 4.70
N LEU B 67 -0.93 -8.35 5.52
CA LEU B 67 -1.10 -8.26 6.96
C LEU B 67 -1.76 -6.95 7.35
N MET B 68 -1.29 -5.85 6.79
CA MET B 68 -1.84 -4.58 7.19
C MET B 68 -3.30 -4.50 6.82
N LEU B 69 -3.65 -5.02 5.65
CA LEU B 69 -5.04 -4.92 5.22
C LEU B 69 -5.90 -5.72 6.18
N GLU B 70 -5.39 -6.85 6.64
CA GLU B 70 -6.17 -7.68 7.54
C GLU B 70 -6.34 -6.94 8.86
N ASN B 71 -5.23 -6.54 9.46
CA ASN B 71 -5.34 -5.87 10.73
C ASN B 71 -6.30 -4.70 10.65
N VAL B 72 -6.19 -3.87 9.62
CA VAL B 72 -7.02 -2.70 9.51
C VAL B 72 -8.48 -3.08 9.33
N SER B 73 -8.73 -4.06 8.48
CA SER B 73 -10.09 -4.49 8.28
C SER B 73 -10.69 -5.04 9.58
N ARG B 74 -9.93 -5.89 10.25
CA ARG B 74 -10.30 -6.43 11.54
C ARG B 74 -10.66 -5.29 12.49
N VAL B 75 -9.74 -4.37 12.68
CA VAL B 75 -9.98 -3.24 13.54
C VAL B 75 -11.29 -2.52 13.19
N ARG B 76 -11.55 -2.34 11.90
CA ARG B 76 -12.74 -1.62 11.51
C ARG B 76 -14.00 -2.39 11.88
N ALA B 77 -14.01 -3.69 11.62
CA ALA B 77 -15.15 -4.50 12.03
C ALA B 77 -15.33 -4.39 13.55
N MET B 78 -14.25 -4.60 14.29
CA MET B 78 -14.33 -4.51 15.74
C MET B 78 -14.93 -3.19 16.22
N CYS B 79 -14.45 -2.07 15.67
CA CYS B 79 -14.92 -0.77 16.11
C CYS B 79 -16.38 -0.54 15.79
N THR B 80 -16.81 -1.01 14.64
CA THR B 80 -18.20 -0.89 14.28
C THR B 80 -19.04 -1.50 15.41
N GLU B 81 -18.63 -2.68 15.88
CA GLU B 81 -19.37 -3.36 16.93
C GLU B 81 -19.27 -2.59 18.23
N ILE B 82 -18.05 -2.20 18.60
CA ILE B 82 -17.85 -1.47 19.84
C ILE B 82 -18.71 -0.23 19.86
N LEU B 83 -18.71 0.47 18.73
CA LEU B 83 -19.49 1.68 18.57
C LEU B 83 -20.96 1.39 18.85
N LYS B 84 -21.48 0.34 18.25
CA LYS B 84 -22.88 0.00 18.49
C LYS B 84 -23.16 -0.24 19.97
N MET B 85 -22.25 -0.92 20.65
CA MET B 85 -22.43 -1.20 22.07
C MET B 85 -22.29 0.06 22.93
N SER B 86 -21.35 0.94 22.60
CA SER B 86 -21.24 2.20 23.33
C SER B 86 -22.54 2.98 23.25
N VAL B 87 -23.12 3.01 22.06
CA VAL B 87 -24.39 3.68 21.89
C VAL B 87 -25.46 3.10 22.82
N LEU B 88 -25.35 1.81 23.10
CA LEU B 88 -26.33 1.16 23.97
C LEU B 88 -26.10 1.43 25.45
N ASN B 89 -24.94 1.96 25.80
CA ASN B 89 -24.65 2.24 27.19
C ASN B 89 -25.57 3.31 27.75
N GLN B 90 -26.13 3.05 28.91
CA GLN B 90 -27.10 3.96 29.47
C GLN B 90 -26.64 5.43 29.44
N GLU B 91 -25.40 5.67 29.89
CA GLU B 91 -24.84 7.01 29.95
C GLU B 91 -24.88 7.71 28.59
N SER B 92 -24.67 6.93 27.53
CA SER B 92 -24.76 7.46 26.16
C SER B 92 -26.21 7.87 25.82
N ILE B 93 -27.13 6.92 25.95
CA ILE B 93 -28.54 7.23 25.77
C ILE B 93 -28.90 8.53 26.48
N ALA B 94 -28.48 8.63 27.74
CA ALA B 94 -28.78 9.79 28.56
C ALA B 94 -28.35 11.10 27.90
N SER B 95 -27.11 11.16 27.44
CA SER B 95 -26.58 12.40 26.89
C SER B 95 -27.41 12.94 25.72
N GLY B 96 -28.13 12.06 25.04
CA GLY B 96 -28.85 12.43 23.84
C GLY B 96 -27.96 12.83 22.67
N ASN B 97 -26.65 12.56 22.76
CA ASN B 97 -25.71 13.02 21.75
C ASN B 97 -25.16 11.91 20.87
N PHE B 98 -25.59 10.69 21.13
CA PHE B 98 -25.03 9.57 20.44
C PHE B 98 -26.12 8.68 19.93
N ASP B 99 -26.97 9.30 19.15
CA ASP B 99 -27.99 8.59 18.44
C ASP B 99 -27.27 7.89 17.31
N TYR B 100 -27.26 6.57 17.35
CA TYR B 100 -26.50 5.80 16.39
C TYR B 100 -26.89 6.10 14.95
N ALA B 101 -28.11 6.58 14.76
CA ALA B 101 -28.61 6.89 13.42
C ALA B 101 -28.04 8.19 12.86
N VAL B 102 -27.54 9.07 13.72
CA VAL B 102 -26.93 10.34 13.31
C VAL B 102 -25.43 10.14 13.17
N ILE B 103 -24.83 9.65 14.24
CA ILE B 103 -23.41 9.38 14.29
C ILE B 103 -22.96 8.60 13.06
N LYS B 104 -23.74 7.58 12.76
CA LYS B 104 -23.36 6.59 11.76
C LYS B 104 -23.16 7.21 10.39
N PRO B 105 -24.19 7.88 9.86
CA PRO B 105 -23.99 8.57 8.59
C PRO B 105 -22.90 9.64 8.66
N ALA B 106 -22.81 10.32 9.80
CA ALA B 106 -21.75 11.30 10.00
C ALA B 106 -20.40 10.64 9.79
N ILE B 107 -20.23 9.45 10.34
CA ILE B 107 -18.97 8.76 10.18
C ILE B 107 -18.73 8.41 8.71
N ASP B 108 -19.77 7.96 8.03
CA ASP B 108 -19.66 7.62 6.62
C ASP B 108 -19.24 8.86 5.86
N LYS B 109 -19.91 9.96 6.16
CA LYS B 109 -19.61 11.25 5.55
C LYS B 109 -18.14 11.61 5.75
N PHE B 110 -17.62 11.36 6.96
CA PHE B 110 -16.24 11.73 7.27
C PHE B 110 -15.31 10.97 6.38
N ALA B 111 -15.51 9.65 6.36
CA ALA B 111 -14.72 8.75 5.53
C ALA B 111 -14.70 9.23 4.08
N ARG B 112 -15.86 9.51 3.52
CA ARG B 112 -15.93 9.85 2.12
C ARG B 112 -15.12 11.10 1.80
N GLU B 113 -15.29 12.13 2.61
CA GLU B 113 -14.59 13.38 2.40
C GLU B 113 -13.10 13.16 2.49
N GLN B 114 -12.70 12.32 3.43
CA GLN B 114 -11.27 12.03 3.60
C GLN B 114 -10.68 11.31 2.40
N VAL B 115 -11.33 10.24 1.98
CA VAL B 115 -10.88 9.52 0.81
C VAL B 115 -10.79 10.48 -0.37
N SER B 116 -11.79 11.36 -0.50
CA SER B 116 -11.86 12.19 -1.69
C SER B 116 -10.72 13.19 -1.72
N ILE B 117 -10.13 13.49 -0.58
CA ILE B 117 -8.91 14.32 -0.55
C ILE B 117 -7.88 13.77 -1.53
N PHE B 118 -7.73 12.46 -1.58
CA PHE B 118 -6.67 11.85 -2.38
C PHE B 118 -7.18 11.13 -3.62
N PHE B 119 -8.49 10.94 -3.74
CA PHE B 119 -8.96 10.10 -4.86
C PHE B 119 -10.12 10.72 -5.70
N PRO C 2 20.87 3.31 -23.25
CA PRO C 2 22.29 3.62 -23.11
C PRO C 2 23.05 2.40 -22.65
N LYS C 3 24.27 2.25 -23.14
CA LYS C 3 25.07 1.08 -22.84
C LYS C 3 26.23 1.46 -21.95
N ILE C 4 26.56 0.61 -20.99
CA ILE C 4 27.67 0.90 -20.12
C ILE C 4 28.71 -0.19 -20.22
N GLN C 5 29.97 0.22 -20.23
CA GLN C 5 31.09 -0.69 -20.22
C GLN C 5 31.81 -0.52 -18.88
N THR C 6 31.73 -1.52 -18.01
CA THR C 6 32.52 -1.48 -16.78
C THR C 6 33.56 -2.56 -16.78
N TYR C 7 34.74 -2.20 -16.29
CA TYR C 7 35.82 -3.16 -16.14
C TYR C 7 35.89 -3.57 -14.69
N VAL C 8 35.39 -4.76 -14.39
CA VAL C 8 35.28 -5.22 -13.02
C VAL C 8 36.33 -6.27 -12.75
N ASN C 9 36.47 -6.67 -11.48
CA ASN C 9 37.44 -7.70 -11.15
C ASN C 9 36.85 -9.08 -11.34
N ASN C 10 37.70 -10.09 -11.27
CA ASN C 10 37.27 -11.45 -11.49
C ASN C 10 36.17 -11.93 -10.54
N ASN C 11 36.27 -11.52 -9.27
CA ASN C 11 35.22 -11.81 -8.30
C ASN C 11 33.85 -11.43 -8.80
N VAL C 12 33.66 -10.12 -8.92
CA VAL C 12 32.41 -9.59 -9.40
C VAL C 12 31.94 -10.36 -10.63
N TYR C 13 32.81 -10.46 -11.63
CA TYR C 13 32.47 -11.16 -12.86
C TYR C 13 31.90 -12.57 -12.61
N GLU C 14 32.63 -13.37 -11.86
CA GLU C 14 32.18 -14.72 -11.55
C GLU C 14 30.77 -14.67 -10.99
N GLN C 15 30.60 -13.85 -9.96
CA GLN C 15 29.34 -13.78 -9.24
C GLN C 15 28.18 -13.52 -10.19
N ILE C 16 28.41 -12.65 -11.15
CA ILE C 16 27.36 -12.28 -12.06
C ILE C 16 27.10 -13.37 -13.07
N THR C 17 28.16 -13.86 -13.72
CA THR C 17 27.93 -14.90 -14.70
C THR C 17 27.27 -16.09 -14.00
N ASP C 18 27.58 -16.27 -12.72
CA ASP C 18 26.93 -17.29 -11.89
C ASP C 18 25.44 -17.03 -11.79
N LEU C 19 25.09 -15.76 -11.56
CA LEU C 19 23.70 -15.37 -11.43
C LEU C 19 22.89 -15.62 -12.69
N VAL C 20 23.50 -15.34 -13.83
CA VAL C 20 22.86 -15.60 -15.11
C VAL C 20 22.53 -17.08 -15.17
N THR C 21 23.54 -17.92 -14.94
CA THR C 21 23.33 -19.34 -14.91
C THR C 21 22.15 -19.66 -14.01
N ILE C 22 22.25 -19.24 -12.75
CA ILE C 22 21.21 -19.54 -11.77
C ILE C 22 19.83 -19.27 -12.36
N ARG C 23 19.68 -18.11 -12.99
CA ARG C 23 18.40 -17.67 -13.50
C ARG C 23 17.87 -18.59 -14.60
N LYS C 24 18.58 -18.66 -15.73
CA LYS C 24 18.14 -19.56 -16.79
C LYS C 24 17.66 -20.87 -16.19
N GLN C 25 18.40 -21.33 -15.19
CA GLN C 25 18.12 -22.57 -14.51
C GLN C 25 16.81 -22.48 -13.73
N GLU C 26 16.31 -21.26 -13.55
CA GLU C 26 15.03 -21.07 -12.86
C GLU C 26 13.92 -20.74 -13.86
N GLY C 27 14.11 -21.17 -15.10
CA GLY C 27 13.15 -20.86 -16.16
C GLY C 27 13.37 -19.49 -16.79
N ILE C 28 13.98 -18.56 -16.04
CA ILE C 28 14.19 -17.19 -16.51
C ILE C 28 14.98 -17.16 -17.82
N GLU C 29 14.46 -17.86 -18.81
CA GLU C 29 14.96 -17.85 -20.17
C GLU C 29 15.89 -16.69 -20.50
N GLU C 30 15.30 -15.50 -20.59
CA GLU C 30 15.97 -14.30 -21.12
C GLU C 30 17.06 -13.73 -20.23
N ALA C 31 17.49 -14.47 -19.22
CA ALA C 31 18.55 -13.96 -18.37
C ALA C 31 19.82 -13.73 -19.19
N SER C 32 20.49 -12.61 -18.95
CA SER C 32 21.71 -12.33 -19.67
C SER C 32 22.68 -11.54 -18.82
N LEU C 33 23.92 -11.48 -19.29
CA LEU C 33 24.95 -10.73 -18.60
C LEU C 33 24.52 -9.29 -18.38
N SER C 34 24.30 -8.56 -19.47
CA SER C 34 23.95 -7.16 -19.36
C SER C 34 22.68 -7.08 -18.55
N ASN C 35 21.69 -7.77 -19.07
CA ASN C 35 20.43 -8.03 -18.41
C ASN C 35 20.50 -8.08 -16.87
N VAL C 36 21.35 -8.95 -16.34
CA VAL C 36 21.51 -9.10 -14.88
C VAL C 36 22.29 -7.98 -14.24
N SER C 37 23.35 -7.53 -14.90
CA SER C 37 24.12 -6.41 -14.36
C SER C 37 23.25 -5.18 -14.21
N SER C 38 22.33 -5.00 -15.14
CA SER C 38 21.43 -3.86 -15.11
C SER C 38 20.64 -3.95 -13.82
N MET C 39 20.01 -5.10 -13.60
CA MET C 39 19.24 -5.30 -12.41
C MET C 39 20.10 -5.03 -11.17
N LEU C 40 21.36 -5.44 -11.22
CA LEU C 40 22.24 -5.26 -10.06
C LEU C 40 22.58 -3.79 -9.85
N LEU C 41 22.75 -3.06 -10.95
CA LEU C 41 23.05 -1.63 -10.88
C LEU C 41 21.86 -0.92 -10.26
N GLU C 42 20.68 -1.23 -10.78
CA GLU C 42 19.46 -0.65 -10.27
C GLU C 42 19.48 -0.85 -8.76
N LEU C 43 19.77 -2.08 -8.35
CA LEU C 43 19.73 -2.45 -6.94
C LEU C 43 20.75 -1.64 -6.15
N GLY C 44 21.97 -1.56 -6.69
CA GLY C 44 23.05 -0.85 -6.02
C GLY C 44 22.74 0.62 -5.83
N LEU C 45 22.16 1.25 -6.84
CA LEU C 45 21.76 2.63 -6.76
C LEU C 45 20.79 2.87 -5.62
N ARG C 46 19.76 2.03 -5.55
CA ARG C 46 18.74 2.17 -4.53
C ARG C 46 19.35 2.22 -3.15
N VAL C 47 20.26 1.31 -2.86
CA VAL C 47 20.92 1.29 -1.56
C VAL C 47 21.75 2.54 -1.39
N TYR C 48 22.52 2.88 -2.42
CA TYR C 48 23.32 4.10 -2.34
C TYR C 48 22.45 5.30 -1.94
N MET C 49 21.39 5.54 -2.71
CA MET C 49 20.39 6.52 -2.37
C MET C 49 19.94 6.37 -0.92
N ILE C 50 19.37 5.23 -0.59
CA ILE C 50 18.93 4.96 0.78
C ILE C 50 20.00 5.35 1.79
N GLN C 51 21.22 4.84 1.62
CA GLN C 51 22.29 5.17 2.57
C GLN C 51 22.46 6.68 2.66
N GLN C 52 22.43 7.30 1.49
CA GLN C 52 22.53 8.75 1.32
C GLN C 52 21.52 9.46 2.19
N GLU C 53 20.25 9.16 1.88
CA GLU C 53 19.09 9.74 2.53
C GLU C 53 19.20 9.57 4.03
N LYS C 54 19.75 8.43 4.44
CA LYS C 54 19.95 8.15 5.84
C LYS C 54 20.78 9.26 6.47
N ARG C 55 22.09 9.25 6.23
CA ARG C 55 22.99 10.20 6.88
C ARG C 55 22.60 11.67 6.70
N GLU C 56 21.74 11.99 5.73
CA GLU C 56 21.14 13.34 5.62
C GLU C 56 20.03 13.55 6.66
N GLY C 57 18.87 14.01 6.19
CA GLY C 57 17.66 14.03 7.04
C GLY C 57 17.06 12.63 7.06
N GLY C 58 15.73 12.52 7.27
CA GLY C 58 14.95 11.32 6.88
C GLY C 58 14.90 11.40 5.36
N PHE C 59 13.94 10.81 4.65
CA PHE C 59 12.76 10.12 5.16
C PHE C 59 13.15 8.67 5.40
N ASN C 60 12.52 7.69 4.75
CA ASN C 60 12.90 6.31 5.09
C ASN C 60 11.80 5.23 5.10
N GLN C 61 11.27 4.89 3.94
CA GLN C 61 10.20 3.90 3.82
C GLN C 61 10.20 2.86 4.90
N MET C 62 11.34 2.23 5.10
CA MET C 62 11.37 1.04 5.92
C MET C 62 11.03 1.38 7.37
N GLU C 63 11.64 2.45 7.87
CA GLU C 63 11.41 2.85 9.24
C GLU C 63 9.94 3.16 9.47
N TYR C 64 9.33 3.77 8.45
CA TYR C 64 7.94 4.18 8.43
C TYR C 64 7.03 2.97 8.35
N ASN C 65 7.31 2.06 7.44
CA ASN C 65 6.52 0.83 7.37
C ASN C 65 6.50 0.12 8.70
N LYS C 66 7.65 0.12 9.36
CA LYS C 66 7.74 -0.52 10.66
C LYS C 66 6.84 0.18 11.70
N LEU C 67 6.92 1.51 11.79
CA LEU C 67 6.12 2.22 12.77
C LEU C 67 4.62 2.03 12.51
N MET C 68 4.24 1.94 11.24
CA MET C 68 2.83 1.82 10.94
C MET C 68 2.38 0.43 11.34
N LEU C 69 3.22 -0.57 11.06
CA LEU C 69 2.85 -1.94 11.40
C LEU C 69 2.69 -2.06 12.91
N GLU C 70 3.52 -1.34 13.65
CA GLU C 70 3.43 -1.42 15.09
C GLU C 70 2.10 -0.82 15.57
N ASN C 71 1.90 0.43 15.21
CA ASN C 71 0.69 1.11 15.59
C ASN C 71 -0.54 0.32 15.20
N VAL C 72 -0.58 -0.15 13.96
CA VAL C 72 -1.73 -0.95 13.55
C VAL C 72 -1.87 -2.22 14.40
N SER C 73 -0.76 -2.91 14.61
CA SER C 73 -0.84 -4.13 15.39
C SER C 73 -1.34 -3.85 16.81
N ARG C 74 -0.79 -2.80 17.38
CA ARG C 74 -1.13 -2.38 18.71
C ARG C 74 -2.63 -2.08 18.81
N VAL C 75 -3.10 -1.23 17.91
CA VAL C 75 -4.50 -0.90 17.85
C VAL C 75 -5.34 -2.18 17.80
N ARG C 76 -4.92 -3.13 16.98
CA ARG C 76 -5.70 -4.34 16.81
C ARG C 76 -5.80 -5.16 18.10
N ALA C 77 -4.69 -5.27 18.82
CA ALA C 77 -4.70 -5.98 20.09
C ALA C 77 -5.62 -5.25 21.04
N MET C 78 -5.47 -3.93 21.10
CA MET C 78 -6.27 -3.12 22.01
C MET C 78 -7.76 -3.27 21.74
N CYS C 79 -8.16 -3.17 20.47
CA CYS C 79 -9.58 -3.32 20.15
C CYS C 79 -10.13 -4.70 20.51
N THR C 80 -9.33 -5.73 20.27
CA THR C 80 -9.75 -7.06 20.62
C THR C 80 -10.20 -7.03 22.06
N GLU C 81 -9.39 -6.41 22.91
CA GLU C 81 -9.65 -6.41 24.35
C GLU C 81 -10.83 -5.56 24.67
N ILE C 82 -10.88 -4.38 24.07
CA ILE C 82 -12.01 -3.48 24.29
C ILE C 82 -13.32 -4.14 23.87
N LEU C 83 -13.29 -4.80 22.72
CA LEU C 83 -14.44 -5.56 22.26
C LEU C 83 -14.91 -6.53 23.32
N LYS C 84 -13.99 -7.32 23.83
CA LYS C 84 -14.39 -8.31 24.83
C LYS C 84 -15.04 -7.65 26.05
N MET C 85 -14.51 -6.49 26.47
CA MET C 85 -15.10 -5.82 27.62
C MET C 85 -16.47 -5.23 27.32
N SER C 86 -16.63 -4.67 26.12
CA SER C 86 -17.93 -4.09 25.74
C SER C 86 -19.00 -5.18 25.79
N VAL C 87 -18.64 -6.34 25.24
CA VAL C 87 -19.51 -7.50 25.29
C VAL C 87 -19.96 -7.79 26.72
N LEU C 88 -19.08 -7.55 27.69
CA LEU C 88 -19.39 -7.86 29.08
C LEU C 88 -20.27 -6.78 29.73
N ASN C 89 -20.38 -5.65 29.05
CA ASN C 89 -21.21 -4.59 29.62
C ASN C 89 -22.67 -5.05 29.76
N GLN C 90 -23.25 -4.81 30.92
CA GLN C 90 -24.63 -5.21 31.15
C GLN C 90 -25.53 -4.79 29.98
N GLU C 91 -25.47 -3.51 29.58
CA GLU C 91 -26.34 -3.03 28.50
C GLU C 91 -26.21 -3.88 27.23
N SER C 92 -24.99 -4.32 26.92
CA SER C 92 -24.77 -5.21 25.77
C SER C 92 -25.44 -6.55 25.97
N ILE C 93 -25.14 -7.22 27.08
CA ILE C 93 -25.81 -8.47 27.38
C ILE C 93 -27.30 -8.32 27.16
N ALA C 94 -27.86 -7.25 27.72
CA ALA C 94 -29.29 -6.99 27.68
C ALA C 94 -29.81 -7.01 26.26
N SER C 95 -29.12 -6.34 25.34
CA SER C 95 -29.63 -6.18 23.99
C SER C 95 -29.74 -7.49 23.26
N GLY C 96 -28.99 -8.48 23.72
CA GLY C 96 -28.99 -9.78 23.05
C GLY C 96 -28.42 -9.73 21.64
N ASN C 97 -27.76 -8.64 21.28
CA ASN C 97 -27.23 -8.50 19.93
C ASN C 97 -25.71 -8.60 19.83
N PHE C 98 -25.05 -8.84 20.96
CA PHE C 98 -23.60 -8.78 20.96
C PHE C 98 -23.02 -9.96 21.72
N ASP C 99 -23.42 -11.15 21.30
CA ASP C 99 -22.82 -12.35 21.79
C ASP C 99 -21.49 -12.55 21.09
N TYR C 100 -20.45 -12.78 21.88
CA TYR C 100 -19.13 -12.96 21.32
C TYR C 100 -19.18 -14.11 20.32
N ALA C 101 -19.91 -15.17 20.66
CA ALA C 101 -19.98 -16.35 19.81
C ALA C 101 -20.57 -16.05 18.43
N VAL C 102 -20.97 -14.81 18.20
CA VAL C 102 -21.50 -14.47 16.89
C VAL C 102 -20.73 -13.36 16.25
N ILE C 103 -20.68 -12.24 16.93
CA ILE C 103 -19.90 -11.10 16.50
C ILE C 103 -18.52 -11.52 16.04
N LYS C 104 -17.86 -12.35 16.84
CA LYS C 104 -16.45 -12.62 16.66
C LYS C 104 -16.19 -13.26 15.30
N PRO C 105 -16.92 -14.34 15.01
CA PRO C 105 -16.69 -14.96 13.72
C PRO C 105 -17.12 -14.02 12.59
N ALA C 106 -18.20 -13.29 12.81
CA ALA C 106 -18.63 -12.27 11.87
C ALA C 106 -17.49 -11.28 11.51
N ILE C 107 -16.74 -10.88 12.52
CA ILE C 107 -15.64 -10.00 12.32
C ILE C 107 -14.54 -10.69 11.51
N ASP C 108 -14.28 -11.94 11.84
CA ASP C 108 -13.30 -12.73 11.12
C ASP C 108 -13.69 -12.81 9.66
N LYS C 109 -14.97 -13.08 9.46
CA LYS C 109 -15.53 -13.18 8.13
C LYS C 109 -15.33 -11.90 7.35
N PHE C 110 -15.62 -10.77 8.00
CA PHE C 110 -15.47 -9.48 7.35
C PHE C 110 -14.04 -9.26 6.88
N ALA C 111 -13.09 -9.55 7.77
CA ALA C 111 -11.67 -9.39 7.48
C ALA C 111 -11.28 -10.19 6.26
N ARG C 112 -11.68 -11.46 6.26
CA ARG C 112 -11.29 -12.34 5.19
C ARG C 112 -11.78 -11.86 3.83
N GLU C 113 -13.06 -11.53 3.77
CA GLU C 113 -13.64 -11.04 2.52
C GLU C 113 -12.92 -9.78 2.01
N GLN C 114 -12.58 -8.90 2.95
CA GLN C 114 -11.90 -7.67 2.62
C GLN C 114 -10.51 -7.91 2.05
N VAL C 115 -9.77 -8.78 2.72
CA VAL C 115 -8.46 -9.14 2.26
C VAL C 115 -8.55 -9.76 0.88
N SER C 116 -9.57 -10.60 0.66
CA SER C 116 -9.68 -11.34 -0.58
C SER C 116 -10.02 -10.45 -1.74
N ILE C 117 -10.58 -9.27 -1.48
CA ILE C 117 -10.73 -8.25 -2.52
C ILE C 117 -9.40 -8.04 -3.25
N PHE C 118 -8.32 -7.91 -2.50
CA PHE C 118 -7.04 -7.59 -3.11
C PHE C 118 -6.07 -8.77 -3.20
N PHE C 119 -6.44 -9.86 -2.54
CA PHE C 119 -5.68 -11.13 -2.60
C PHE C 119 -6.57 -12.31 -3.06
N PRO D 2 1.86 -10.45 -31.76
CA PRO D 2 0.80 -10.73 -32.70
C PRO D 2 0.28 -9.42 -33.25
N LYS D 3 -0.05 -9.42 -34.53
CA LYS D 3 -0.41 -8.21 -35.22
C LYS D 3 -1.90 -8.19 -35.47
N ILE D 4 -2.51 -7.01 -35.30
CA ILE D 4 -3.92 -6.87 -35.57
C ILE D 4 -4.17 -5.89 -36.71
N GLN D 5 -5.06 -6.25 -37.61
CA GLN D 5 -5.51 -5.33 -38.63
C GLN D 5 -6.99 -4.98 -38.33
N THR D 6 -7.26 -3.74 -37.92
CA THR D 6 -8.67 -3.32 -37.81
C THR D 6 -9.02 -2.29 -38.84
N TYR D 7 -10.21 -2.45 -39.40
CA TYR D 7 -10.72 -1.43 -40.29
C TYR D 7 -11.66 -0.52 -39.52
N VAL D 8 -11.19 0.69 -39.23
CA VAL D 8 -11.95 1.63 -38.43
C VAL D 8 -12.53 2.72 -39.30
N ASN D 9 -13.42 3.53 -38.73
CA ASN D 9 -13.99 4.65 -39.47
C ASN D 9 -13.08 5.87 -39.39
N ASN D 10 -13.39 6.88 -40.20
CA ASN D 10 -12.53 8.03 -40.30
C ASN D 10 -12.38 8.79 -39.00
N ASN D 11 -13.44 8.81 -38.20
CA ASN D 11 -13.40 9.44 -36.88
C ASN D 11 -12.31 8.88 -36.03
N VAL D 12 -12.49 7.62 -35.66
CA VAL D 12 -11.49 6.92 -34.90
C VAL D 12 -10.11 7.20 -35.48
N TYR D 13 -9.93 6.99 -36.78
CA TYR D 13 -8.62 7.12 -37.37
C TYR D 13 -8.00 8.48 -37.07
N GLU D 14 -8.78 9.53 -37.30
CA GLU D 14 -8.30 10.88 -37.08
C GLU D 14 -7.83 10.99 -35.65
N GLN D 15 -8.69 10.59 -34.72
CA GLN D 15 -8.40 10.76 -33.30
C GLN D 15 -7.08 10.14 -32.95
N ILE D 16 -6.80 8.99 -33.54
CA ILE D 16 -5.57 8.28 -33.20
C ILE D 16 -4.38 8.98 -33.81
N THR D 17 -4.41 9.18 -35.13
CA THR D 17 -3.28 9.79 -35.75
C THR D 17 -3.01 11.11 -35.05
N ASP D 18 -4.08 11.74 -34.56
CA ASP D 18 -3.96 12.96 -33.80
C ASP D 18 -3.16 12.72 -32.53
N LEU D 19 -3.47 11.61 -31.86
CA LEU D 19 -2.77 11.26 -30.64
C LEU D 19 -1.29 11.03 -30.86
N VAL D 20 -0.96 10.34 -31.96
CA VAL D 20 0.42 10.11 -32.27
C VAL D 20 1.15 11.44 -32.35
N THR D 21 0.62 12.34 -33.18
CA THR D 21 1.13 13.70 -33.26
C THR D 21 1.30 14.32 -31.87
N ILE D 22 0.23 14.33 -31.10
CA ILE D 22 0.27 14.92 -29.77
C ILE D 22 1.50 14.44 -29.01
N ARG D 23 1.69 13.13 -29.02
CA ARG D 23 2.76 12.49 -28.26
C ARG D 23 4.16 12.93 -28.71
N LYS D 24 4.52 12.62 -29.95
CA LYS D 24 5.81 13.07 -30.46
C LYS D 24 6.08 14.49 -29.98
N GLN D 25 5.03 15.30 -30.04
CA GLN D 25 5.11 16.68 -29.65
C GLN D 25 5.36 16.82 -28.15
N GLU D 26 5.15 15.74 -27.42
CA GLU D 26 5.43 15.73 -25.98
C GLU D 26 6.74 15.02 -25.66
N GLY D 27 7.65 15.00 -26.63
CA GLY D 27 8.93 14.31 -26.48
C GLY D 27 8.84 12.81 -26.74
N ILE D 28 7.64 12.24 -26.54
CA ILE D 28 7.45 10.80 -26.71
C ILE D 28 7.86 10.35 -28.11
N GLU D 29 9.11 10.62 -28.44
CA GLU D 29 9.76 10.15 -29.65
C GLU D 29 9.05 8.97 -30.32
N GLU D 30 9.14 7.81 -29.69
CA GLU D 30 8.72 6.53 -30.29
C GLU D 30 7.21 6.33 -30.43
N ALA D 31 6.46 7.40 -30.36
CA ALA D 31 5.03 7.28 -30.55
C ALA D 31 4.75 6.83 -31.99
N SER D 32 3.83 5.90 -32.15
CA SER D 32 3.47 5.43 -33.46
C SER D 32 2.04 4.98 -33.51
N LEU D 33 1.54 4.81 -34.74
CA LEU D 33 0.17 4.39 -34.96
C LEU D 33 -0.13 3.14 -34.17
N SER D 34 0.60 2.07 -34.49
CA SER D 34 0.32 0.77 -33.92
C SER D 34 0.56 0.88 -32.44
N ASN D 35 1.75 1.36 -32.14
CA ASN D 35 2.14 1.78 -30.82
C ASN D 35 0.98 2.35 -29.97
N VAL D 36 0.34 3.41 -30.47
CA VAL D 36 -0.76 4.07 -29.75
C VAL D 36 -2.06 3.27 -29.75
N SER D 37 -2.40 2.64 -30.87
CA SER D 37 -3.61 1.83 -30.90
C SER D 37 -3.51 0.70 -29.85
N SER D 38 -2.32 0.16 -29.71
CA SER D 38 -2.09 -0.89 -28.76
C SER D 38 -2.46 -0.37 -27.37
N MET D 39 -1.92 0.78 -27.01
CA MET D 39 -2.22 1.38 -25.73
C MET D 39 -3.73 1.59 -25.58
N LEU D 40 -4.38 2.01 -26.66
CA LEU D 40 -5.81 2.27 -26.63
C LEU D 40 -6.64 1.00 -26.49
N LEU D 41 -6.18 -0.07 -27.15
CA LEU D 41 -6.81 -1.39 -27.00
C LEU D 41 -6.69 -1.84 -25.55
N GLU D 42 -5.48 -1.78 -25.04
CA GLU D 42 -5.24 -2.15 -23.66
C GLU D 42 -6.27 -1.46 -22.78
N LEU D 43 -6.40 -0.15 -23.00
CA LEU D 43 -7.28 0.69 -22.22
C LEU D 43 -8.73 0.27 -22.37
N GLY D 44 -9.14 0.03 -23.61
CA GLY D 44 -10.49 -0.40 -23.90
C GLY D 44 -10.85 -1.71 -23.23
N LEU D 45 -9.94 -2.67 -23.27
CA LEU D 45 -10.17 -3.95 -22.61
C LEU D 45 -10.44 -3.74 -21.13
N ARG D 46 -9.59 -2.97 -20.47
CA ARG D 46 -9.72 -2.79 -19.05
C ARG D 46 -11.14 -2.35 -18.68
N VAL D 47 -11.65 -1.37 -19.41
CA VAL D 47 -13.00 -0.90 -19.15
C VAL D 47 -13.98 -1.98 -19.47
N PHE D 59 -4.86 -7.36 -7.01
CA PHE D 59 -4.10 -6.21 -6.51
C PHE D 59 -4.16 -4.90 -7.37
N ASN D 60 -3.58 -3.83 -6.84
CA ASN D 60 -3.80 -2.50 -7.40
C ASN D 60 -3.38 -1.41 -6.41
N GLN D 61 -2.17 -0.86 -6.51
CA GLN D 61 -1.75 0.10 -5.49
C GLN D 61 -2.84 1.10 -5.18
N MET D 62 -3.33 1.79 -6.19
CA MET D 62 -4.22 2.93 -5.98
C MET D 62 -5.51 2.48 -5.30
N GLU D 63 -6.10 1.41 -5.82
CA GLU D 63 -7.34 0.93 -5.28
C GLU D 63 -7.15 0.53 -3.81
N TYR D 64 -5.97 -0.02 -3.53
CA TYR D 64 -5.60 -0.47 -2.20
C TYR D 64 -5.35 0.70 -1.26
N ASN D 65 -4.55 1.66 -1.70
CA ASN D 65 -4.37 2.87 -0.92
C ASN D 65 -5.71 3.48 -0.54
N LYS D 66 -6.64 3.49 -1.49
CA LYS D 66 -7.95 4.05 -1.24
C LYS D 66 -8.67 3.31 -0.10
N LEU D 67 -8.76 1.99 -0.21
CA LEU D 67 -9.44 1.19 0.80
C LEU D 67 -8.84 1.39 2.18
N MET D 68 -7.52 1.43 2.25
CA MET D 68 -6.86 1.61 3.53
C MET D 68 -7.17 2.97 4.11
N LEU D 69 -7.17 4.01 3.26
CA LEU D 69 -7.49 5.34 3.76
C LEU D 69 -8.92 5.39 4.30
N GLU D 70 -9.83 4.71 3.61
CA GLU D 70 -11.20 4.68 4.09
C GLU D 70 -11.28 3.99 5.43
N ASN D 71 -10.80 2.76 5.49
CA ASN D 71 -10.85 2.01 6.72
C ASN D 71 -10.24 2.79 7.88
N VAL D 72 -9.06 3.36 7.66
CA VAL D 72 -8.41 4.10 8.73
C VAL D 72 -9.23 5.33 9.13
N SER D 73 -9.73 6.06 8.14
CA SER D 73 -10.49 7.24 8.44
C SER D 73 -11.75 6.85 9.22
N ARG D 74 -12.37 5.77 8.79
CA ARG D 74 -13.56 5.27 9.44
C ARG D 74 -13.27 4.93 10.89
N VAL D 75 -12.21 4.17 11.10
CA VAL D 75 -11.79 3.75 12.43
C VAL D 75 -11.54 4.95 13.32
N ARG D 76 -10.86 5.96 12.77
CA ARG D 76 -10.63 7.18 13.54
C ARG D 76 -11.92 7.89 13.96
N ALA D 77 -12.86 8.04 13.04
CA ALA D 77 -14.13 8.66 13.42
C ALA D 77 -14.78 7.85 14.54
N MET D 78 -14.85 6.55 14.32
CA MET D 78 -15.50 5.66 15.29
C MET D 78 -14.87 5.81 16.67
N CYS D 79 -13.54 5.76 16.75
CA CYS D 79 -12.86 5.84 18.05
C CYS D 79 -13.10 7.17 18.74
N THR D 80 -13.11 8.25 17.95
CA THR D 80 -13.43 9.54 18.52
C THR D 80 -14.72 9.41 19.30
N GLU D 81 -15.74 8.84 18.66
CA GLU D 81 -17.06 8.73 19.29
C GLU D 81 -17.02 7.81 20.50
N ILE D 82 -16.39 6.66 20.33
CA ILE D 82 -16.27 5.70 21.42
C ILE D 82 -15.61 6.36 22.60
N LEU D 83 -14.53 7.08 22.31
CA LEU D 83 -13.80 7.83 23.34
C LEU D 83 -14.74 8.72 24.13
N LYS D 84 -15.53 9.51 23.41
CA LYS D 84 -16.43 10.43 24.10
C LYS D 84 -17.39 9.67 24.99
N MET D 85 -17.92 8.56 24.53
CA MET D 85 -18.84 7.80 25.37
C MET D 85 -18.15 7.14 26.57
N SER D 86 -16.93 6.64 26.38
CA SER D 86 -16.21 6.07 27.52
C SER D 86 -16.05 7.11 28.60
N VAL D 87 -15.64 8.30 28.19
CA VAL D 87 -15.54 9.40 29.12
C VAL D 87 -16.83 9.61 29.92
N LEU D 88 -17.98 9.39 29.29
CA LEU D 88 -19.26 9.56 29.97
C LEU D 88 -19.61 8.42 30.91
N ASN D 89 -18.88 7.30 30.85
CA ASN D 89 -19.18 6.17 31.72
C ASN D 89 -18.93 6.51 33.17
N GLN D 90 -19.90 6.21 34.02
CA GLN D 90 -19.78 6.59 35.43
C GLN D 90 -18.42 6.25 36.01
N GLU D 91 -17.96 5.00 35.83
CA GLU D 91 -16.69 4.55 36.38
C GLU D 91 -15.55 5.46 35.94
N SER D 92 -15.60 5.98 34.72
CA SER D 92 -14.60 6.92 34.23
C SER D 92 -14.68 8.23 35.01
N ILE D 93 -15.85 8.84 35.01
CA ILE D 93 -16.05 10.04 35.80
C ILE D 93 -15.43 9.86 37.19
N ALA D 94 -15.78 8.74 37.82
CA ALA D 94 -15.34 8.46 39.17
C ALA D 94 -13.82 8.52 39.31
N SER D 95 -13.10 7.91 38.39
CA SER D 95 -11.66 7.87 38.52
C SER D 95 -11.02 9.25 38.54
N GLY D 96 -11.69 10.22 37.95
CA GLY D 96 -11.12 11.56 37.82
C GLY D 96 -9.91 11.63 36.91
N ASN D 97 -9.66 10.58 36.14
CA ASN D 97 -8.49 10.54 35.29
C ASN D 97 -8.80 10.66 33.82
N PHE D 98 -10.07 10.82 33.49
CA PHE D 98 -10.43 10.81 32.09
C PHE D 98 -11.32 11.99 31.79
N ASP D 99 -10.78 13.14 32.12
CA ASP D 99 -11.39 14.40 31.84
C ASP D 99 -11.10 14.72 30.37
N TYR D 100 -12.17 14.75 29.57
CA TYR D 100 -12.03 14.94 28.13
C TYR D 100 -11.27 16.20 27.75
N ALA D 101 -11.34 17.22 28.61
CA ALA D 101 -10.63 18.46 28.36
C ALA D 101 -9.12 18.28 28.47
N VAL D 102 -8.70 17.13 28.99
CA VAL D 102 -7.28 16.87 29.18
C VAL D 102 -6.81 15.83 28.20
N ILE D 103 -7.46 14.68 28.25
CA ILE D 103 -7.14 13.55 27.39
C ILE D 103 -7.06 13.99 25.93
N LYS D 104 -8.06 14.74 25.52
CA LYS D 104 -8.23 15.07 24.11
C LYS D 104 -7.03 15.85 23.56
N PRO D 105 -6.68 16.98 24.19
CA PRO D 105 -5.51 17.66 23.66
C PRO D 105 -4.28 16.78 23.79
N ALA D 106 -4.22 15.97 24.85
CA ALA D 106 -3.10 15.04 25.02
C ALA D 106 -2.95 14.14 23.81
N ILE D 107 -4.08 13.60 23.35
CA ILE D 107 -4.09 12.79 22.17
C ILE D 107 -3.64 13.55 20.92
N ASP D 108 -4.13 14.77 20.75
CA ASP D 108 -3.70 15.61 19.64
C ASP D 108 -2.19 15.77 19.69
N LYS D 109 -1.69 16.09 20.88
CA LYS D 109 -0.28 16.30 21.08
C LYS D 109 0.47 15.03 20.66
N PHE D 110 -0.01 13.87 21.06
CA PHE D 110 0.66 12.62 20.72
C PHE D 110 0.78 12.48 19.23
N ALA D 111 -0.35 12.66 18.54
CA ALA D 111 -0.38 12.54 17.09
C ALA D 111 0.62 13.47 16.43
N ARG D 112 0.66 14.72 16.87
CA ARG D 112 1.55 15.69 16.25
C ARG D 112 3.01 15.29 16.39
N GLU D 113 3.41 14.89 17.58
CA GLU D 113 4.78 14.49 17.84
C GLU D 113 5.14 13.31 16.98
N GLN D 114 4.21 12.40 16.83
CA GLN D 114 4.44 11.20 16.04
C GLN D 114 4.64 11.51 14.57
N VAL D 115 3.73 12.32 14.03
CA VAL D 115 3.84 12.75 12.66
C VAL D 115 5.17 13.47 12.44
N SER D 116 5.58 14.27 13.41
CA SER D 116 6.77 15.07 13.23
C SER D 116 8.05 14.23 13.19
N ILE D 117 7.99 13.02 13.75
CA ILE D 117 9.11 12.09 13.62
C ILE D 117 9.50 11.94 12.16
N PHE D 118 8.50 11.81 11.28
CA PHE D 118 8.78 11.56 9.89
C PHE D 118 8.54 12.78 8.97
N PHE D 119 7.88 13.82 9.48
CA PHE D 119 7.64 15.07 8.72
C PHE D 119 7.53 16.31 9.65
#